data_5L7N
#
_entry.id   5L7N
#
_cell.length_a   75.880
_cell.length_b   82.510
_cell.length_c   125.600
_cell.angle_alpha   90.00
_cell.angle_beta   90.00
_cell.angle_gamma   90.00
#
_symmetry.space_group_name_H-M   'C 2 2 21'
#
loop_
_entity.id
_entity.type
_entity.pdbx_description
1 polymer Plexin-A1
2 non-polymer 2-acetamido-2-deoxy-beta-D-glucopyranose
3 non-polymer 1,2-ETHANEDIOL
4 non-polymer DI(HYDROXYETHYL)ETHER
5 water water
#
_entity_poly.entity_id   1
_entity_poly.type   'polypeptide(L)'
_entity_poly.pdbx_seq_one_letter_code
;ETGDPKILKLSPETGPRQGGTRLTITGENLGLRFEDVRLGVHVGKVLCSPVESEYISAEQIVCEIGDASTLRAHDALVEV
CVRDCSLHYRALSPKRFTFVTPTFYRVSPSRGPLSGGTWIGIEGSHLNAGSDVAVSIGGRPCSFSWRNSREIRCLTPPGH
TPGSAPIVININRAQLSNPEVKYNYTEDPTILRIDPEWSINSGGTLLTVTGTNLATVREPRIRAKYGGIERENSCMVYND
TTMVCRAPSIDNPKRSPPELGERPDEIGFIMDNVRTLLVLNSSSFLYYPDPVLEPLSPTGLLELKPSSPLILKGRNLLPP
APGNSRLNYTVLIGSTPCILTVSETQLLCEAPNLTGQHKVTVRAGGFEFSPGMLQVYSDSLLTLGTKHHHHHH
;
_entity_poly.pdbx_strand_id   A
#
# COMPACT_ATOMS: atom_id res chain seq x y z
N ASP A 4 2.87 26.41 -40.09
CA ASP A 4 1.46 26.23 -39.77
C ASP A 4 1.21 25.07 -38.78
N PRO A 5 1.84 23.90 -38.98
CA PRO A 5 1.73 22.85 -37.97
C PRO A 5 2.51 23.22 -36.72
N LYS A 6 1.96 22.85 -35.56
CA LYS A 6 2.57 23.17 -34.28
C LYS A 6 2.36 22.01 -33.31
N ILE A 7 3.43 21.64 -32.61
CA ILE A 7 3.37 20.62 -31.56
C ILE A 7 3.20 21.32 -30.22
N LEU A 8 2.26 20.84 -29.42
CA LEU A 8 1.99 21.45 -28.12
C LEU A 8 2.57 20.65 -26.95
N LYS A 9 2.51 19.32 -26.99
CA LYS A 9 2.99 18.53 -25.87
C LYS A 9 3.38 17.14 -26.35
N LEU A 10 4.39 16.57 -25.68
CA LEU A 10 4.81 15.19 -25.89
C LEU A 10 4.61 14.40 -24.61
N SER A 11 4.18 13.15 -24.76
CA SER A 11 3.99 12.32 -23.58
C SER A 11 4.22 10.84 -23.92
N PRO A 12 5.16 10.16 -23.27
CA PRO A 12 6.01 10.71 -22.20
C PRO A 12 7.21 11.48 -22.76
N GLU A 13 8.04 12.02 -21.86
CA GLU A 13 9.20 12.79 -22.26
C GLU A 13 10.50 11.98 -22.25
N THR A 14 10.49 10.81 -21.62
CA THR A 14 11.64 9.91 -21.63
C THR A 14 11.20 8.52 -22.06
N GLY A 15 12.16 7.75 -22.57
CA GLY A 15 11.90 6.40 -22.99
C GLY A 15 13.16 5.56 -23.00
N PRO A 16 13.00 4.24 -22.92
CA PRO A 16 14.18 3.36 -22.96
C PRO A 16 14.89 3.45 -24.30
N ARG A 17 16.20 3.25 -24.25
CA ARG A 17 17.02 3.35 -25.46
C ARG A 17 16.69 2.23 -26.45
N GLN A 18 16.19 1.09 -25.96
CA GLN A 18 15.84 -0.01 -26.85
C GLN A 18 14.65 0.30 -27.74
N GLY A 19 13.79 1.24 -27.33
CA GLY A 19 12.66 1.63 -28.13
C GLY A 19 11.36 1.01 -27.65
N GLY A 20 10.33 1.15 -28.50
CA GLY A 20 9.01 0.63 -28.21
C GLY A 20 8.08 1.62 -27.55
N THR A 21 8.58 2.77 -27.11
CA THR A 21 7.76 3.74 -26.40
C THR A 21 6.63 4.26 -27.31
N ARG A 22 5.42 4.27 -26.76
CA ARG A 22 4.27 4.84 -27.46
C ARG A 22 4.23 6.34 -27.16
N LEU A 23 4.87 7.11 -28.05
CA LEU A 23 4.90 8.55 -27.93
C LEU A 23 3.58 9.15 -28.40
N THR A 24 3.04 10.06 -27.59
CA THR A 24 1.79 10.77 -27.88
C THR A 24 2.13 12.24 -28.14
N ILE A 25 1.82 12.72 -29.34
CA ILE A 25 2.14 14.06 -29.79
C ILE A 25 0.83 14.82 -29.93
N THR A 26 0.64 15.85 -29.10
CA THR A 26 -0.55 16.68 -29.14
C THR A 26 -0.18 18.05 -29.69
N GLY A 27 -0.94 18.50 -30.69
CA GLY A 27 -0.65 19.77 -31.30
C GLY A 27 -1.79 20.27 -32.16
N GLU A 28 -1.44 21.14 -33.10
CA GLU A 28 -2.41 21.77 -33.99
C GLU A 28 -1.97 21.61 -35.43
N ASN A 29 -2.95 21.46 -36.33
CA ASN A 29 -2.70 21.30 -37.77
C ASN A 29 -1.82 20.10 -38.06
N LEU A 30 -1.99 19.04 -37.26
CA LEU A 30 -1.19 17.81 -37.41
C LEU A 30 -1.72 16.95 -38.57
N GLY A 31 -1.74 17.57 -39.76
CA GLY A 31 -2.23 16.91 -40.93
C GLY A 31 -3.75 16.83 -40.97
N LEU A 32 -4.25 16.13 -41.99
CA LEU A 32 -5.67 15.87 -42.14
C LEU A 32 -6.02 14.40 -42.07
N ARG A 33 -5.36 13.57 -42.88
CA ARG A 33 -5.54 12.13 -42.86
C ARG A 33 -4.29 11.45 -42.34
N PHE A 34 -4.40 10.15 -42.06
CA PHE A 34 -3.25 9.41 -41.56
C PHE A 34 -2.15 9.32 -42.60
N GLU A 35 -2.51 9.37 -43.89
CA GLU A 35 -1.51 9.32 -44.95
C GLU A 35 -0.61 10.54 -44.95
N ASP A 36 -1.08 11.67 -44.41
CA ASP A 36 -0.30 12.91 -44.41
C ASP A 36 0.87 12.88 -43.44
N VAL A 37 0.94 11.89 -42.55
CA VAL A 37 1.94 11.91 -41.48
C VAL A 37 2.40 10.48 -41.17
N ARG A 38 1.99 9.51 -41.98
CA ARG A 38 2.35 8.13 -41.72
C ARG A 38 3.85 7.89 -41.79
N LEU A 39 4.60 8.75 -42.48
CA LEU A 39 6.03 8.55 -42.67
C LEU A 39 6.84 9.80 -42.32
N GLY A 40 6.25 10.75 -41.62
CA GLY A 40 6.94 12.01 -41.37
C GLY A 40 7.19 12.33 -39.90
N VAL A 41 7.28 11.32 -39.05
CA VAL A 41 7.51 11.51 -37.63
C VAL A 41 8.84 10.87 -37.27
N HIS A 42 9.78 11.69 -36.77
CA HIS A 42 11.08 11.20 -36.34
C HIS A 42 11.42 11.79 -34.99
N VAL A 43 12.14 11.01 -34.18
CA VAL A 43 12.73 11.51 -32.94
C VAL A 43 14.23 11.60 -33.17
N GLY A 44 14.68 12.75 -33.68
CA GLY A 44 16.05 12.82 -34.15
C GLY A 44 16.21 11.95 -35.38
N LYS A 45 17.22 11.09 -35.36
CA LYS A 45 17.42 10.14 -36.45
C LYS A 45 16.50 8.93 -36.36
N VAL A 46 15.84 8.72 -35.23
CA VAL A 46 15.05 7.51 -35.01
C VAL A 46 13.67 7.69 -35.63
N LEU A 47 13.20 6.67 -36.35
CA LEU A 47 11.88 6.68 -36.91
C LEU A 47 10.84 6.36 -35.84
N CYS A 48 9.72 7.07 -35.88
CA CYS A 48 8.59 6.85 -34.96
C CYS A 48 7.38 6.48 -35.80
N SER A 49 6.98 5.20 -35.75
CA SER A 49 5.93 4.66 -36.61
C SER A 49 4.55 4.99 -36.06
N PRO A 50 3.78 5.83 -36.75
CA PRO A 50 2.47 6.23 -36.23
C PRO A 50 1.49 5.07 -36.22
N VAL A 51 0.56 5.12 -35.26
CA VAL A 51 -0.52 4.15 -35.14
C VAL A 51 -1.80 4.82 -35.62
N GLU A 52 -2.39 4.30 -36.69
CA GLU A 52 -3.55 4.94 -37.29
C GLU A 52 -4.77 4.88 -36.38
N SER A 53 -4.90 3.81 -35.58
CA SER A 53 -6.07 3.68 -34.71
C SER A 53 -6.13 4.80 -33.68
N GLU A 54 -4.99 5.30 -33.23
CA GLU A 54 -4.94 6.36 -32.23
C GLU A 54 -4.61 7.72 -32.83
N TYR A 55 -4.66 7.84 -34.15
CA TYR A 55 -4.41 9.13 -34.79
C TYR A 55 -5.69 9.96 -34.81
N ILE A 56 -5.65 11.12 -34.18
CA ILE A 56 -6.76 12.08 -34.22
C ILE A 56 -6.38 13.17 -35.22
N SER A 57 -7.29 13.44 -36.16
CA SER A 57 -6.99 14.32 -37.28
C SER A 57 -6.64 15.71 -36.78
N ALA A 58 -5.43 16.16 -37.13
CA ALA A 58 -4.94 17.51 -36.87
C ALA A 58 -4.75 17.80 -35.38
N GLU A 59 -4.77 16.79 -34.53
CA GLU A 59 -4.64 17.05 -33.10
C GLU A 59 -3.67 16.13 -32.40
N GLN A 60 -3.68 14.83 -32.70
CA GLN A 60 -2.91 13.86 -31.96
C GLN A 60 -2.27 12.84 -32.91
N ILE A 61 -1.01 12.52 -32.64
CA ILE A 61 -0.27 11.51 -33.38
C ILE A 61 0.40 10.59 -32.37
N VAL A 62 0.02 9.32 -32.35
CA VAL A 62 0.64 8.32 -31.50
C VAL A 62 1.54 7.45 -32.37
N CYS A 63 2.81 7.34 -31.99
CA CYS A 63 3.76 6.58 -32.78
C CYS A 63 4.70 5.82 -31.86
N GLU A 64 5.13 4.65 -32.32
CA GLU A 64 6.08 3.82 -31.59
C GLU A 64 7.50 4.22 -31.98
N ILE A 65 8.31 4.56 -30.98
CA ILE A 65 9.68 5.00 -31.23
C ILE A 65 10.55 3.78 -31.54
N GLY A 66 11.35 3.89 -32.58
CA GLY A 66 12.24 2.82 -32.98
C GLY A 66 13.44 2.67 -32.06
N ASP A 67 14.30 1.74 -32.42
CA ASP A 67 15.47 1.42 -31.61
C ASP A 67 16.50 2.56 -31.70
N ALA A 68 16.98 2.99 -30.53
CA ALA A 68 18.00 4.03 -30.45
C ALA A 68 19.29 3.51 -29.82
N SER A 69 19.51 2.19 -29.86
CA SER A 69 20.68 1.61 -29.20
C SER A 69 21.98 2.10 -29.83
N THR A 70 21.99 2.34 -31.14
CA THR A 70 23.18 2.81 -31.85
C THR A 70 23.19 4.32 -32.04
N LEU A 71 22.15 5.03 -31.58
CA LEU A 71 22.11 6.48 -31.71
C LEU A 71 23.17 7.11 -30.83
N ARG A 72 24.03 7.94 -31.42
CA ARG A 72 25.07 8.63 -30.67
C ARG A 72 24.54 9.97 -30.14
N ALA A 73 23.51 9.86 -29.31
CA ALA A 73 22.89 11.02 -28.69
C ALA A 73 22.11 10.57 -27.47
N HIS A 74 21.88 11.51 -26.56
CA HIS A 74 21.11 11.26 -25.35
C HIS A 74 19.69 11.76 -25.42
N ASP A 75 19.46 12.88 -26.11
CA ASP A 75 18.12 13.42 -26.31
C ASP A 75 18.03 13.96 -27.73
N ALA A 76 16.80 14.21 -28.18
CA ALA A 76 16.58 14.71 -29.52
C ALA A 76 15.22 15.41 -29.58
N LEU A 77 15.07 16.27 -30.59
CA LEU A 77 13.81 16.93 -30.84
C LEU A 77 12.96 16.09 -31.80
N VAL A 78 11.65 16.16 -31.61
CA VAL A 78 10.71 15.40 -32.42
C VAL A 78 10.29 16.25 -33.61
N GLU A 79 10.51 15.73 -34.81
CA GLU A 79 10.13 16.40 -36.06
C GLU A 79 8.92 15.70 -36.65
N VAL A 80 7.93 16.50 -37.06
CA VAL A 80 6.71 16.00 -37.70
C VAL A 80 6.58 16.69 -39.06
N CYS A 81 6.70 15.90 -40.13
CA CYS A 81 6.57 16.42 -41.49
C CYS A 81 5.17 16.14 -42.00
N VAL A 82 4.44 17.20 -42.35
CA VAL A 82 3.12 17.08 -42.93
C VAL A 82 3.26 16.98 -44.44
N ARG A 83 2.81 15.86 -45.01
CA ARG A 83 2.93 15.58 -46.44
C ARG A 83 4.39 15.69 -46.91
N LEU A 87 6.30 18.48 -47.89
CA LEU A 87 7.36 18.22 -46.91
C LEU A 87 7.88 19.51 -46.30
N HIS A 88 7.51 20.63 -46.90
CA HIS A 88 7.98 21.92 -46.43
C HIS A 88 7.43 22.25 -45.05
N TYR A 89 6.12 22.25 -44.90
CA TYR A 89 5.48 22.59 -43.62
C TYR A 89 5.67 21.44 -42.64
N ARG A 90 6.61 21.60 -41.71
CA ARG A 90 6.86 20.63 -40.66
C ARG A 90 7.00 21.36 -39.33
N ALA A 91 6.73 20.64 -38.26
CA ALA A 91 6.76 21.18 -36.91
C ALA A 91 7.82 20.47 -36.08
N LEU A 92 8.43 21.24 -35.18
CA LEU A 92 9.45 20.74 -34.27
C LEU A 92 8.92 20.81 -32.84
N SER A 93 9.23 19.79 -32.05
CA SER A 93 8.70 19.72 -30.70
C SER A 93 9.29 20.84 -29.84
N PRO A 94 8.50 21.44 -28.95
CA PRO A 94 9.05 22.51 -28.09
C PRO A 94 10.16 22.02 -27.17
N LYS A 95 9.97 20.87 -26.54
CA LYS A 95 10.98 20.29 -25.65
C LYS A 95 11.54 19.01 -26.25
N ARG A 96 12.57 18.49 -25.59
CA ARG A 96 13.32 17.35 -26.09
C ARG A 96 12.84 16.06 -25.46
N PHE A 97 12.93 14.97 -26.24
CA PHE A 97 12.71 13.63 -25.74
C PHE A 97 14.06 13.03 -25.37
N THR A 98 14.14 12.39 -24.20
CA THR A 98 15.39 11.89 -23.67
C THR A 98 15.40 10.37 -23.70
N PHE A 99 16.45 9.81 -24.29
CA PHE A 99 16.69 8.36 -24.25
C PHE A 99 17.49 8.03 -22.99
N VAL A 100 16.95 7.15 -22.16
CA VAL A 100 17.56 6.80 -20.89
C VAL A 100 17.71 5.29 -20.80
N THR A 101 18.48 4.85 -19.80
CA THR A 101 18.67 3.44 -19.51
C THR A 101 18.19 3.16 -18.08
N PRO A 102 16.96 2.70 -17.90
CA PRO A 102 16.44 2.48 -16.53
C PRO A 102 17.20 1.37 -15.82
N THR A 103 17.40 1.57 -14.52
CA THR A 103 18.07 0.58 -13.68
C THR A 103 17.33 0.49 -12.35
N PHE A 104 17.64 -0.56 -11.59
CA PHE A 104 17.13 -0.67 -10.22
C PHE A 104 18.17 -1.36 -9.36
N TYR A 105 18.19 -1.01 -8.08
CA TYR A 105 19.23 -1.46 -7.16
C TYR A 105 18.71 -1.99 -5.83
N ARG A 106 17.41 -1.91 -5.56
CA ARG A 106 16.90 -2.26 -4.25
C ARG A 106 15.41 -2.56 -4.33
N VAL A 107 14.97 -3.52 -3.52
CA VAL A 107 13.54 -3.83 -3.35
C VAL A 107 13.24 -3.79 -1.86
N SER A 108 12.15 -3.11 -1.49
CA SER A 108 11.79 -2.95 -0.09
C SER A 108 10.28 -3.14 0.10
N PRO A 109 9.86 -4.12 0.90
CA PRO A 109 10.74 -5.09 1.58
C PRO A 109 11.29 -6.15 0.65
N SER A 110 12.41 -6.76 1.04
CA SER A 110 13.03 -7.81 0.24
C SER A 110 12.53 -9.20 0.58
N ARG A 111 11.54 -9.31 1.47
CA ARG A 111 10.98 -10.60 1.85
C ARG A 111 9.50 -10.43 2.14
N GLY A 112 8.78 -11.54 2.10
CA GLY A 112 7.36 -11.53 2.35
C GLY A 112 6.73 -12.90 2.28
N PRO A 113 5.47 -13.00 2.70
CA PRO A 113 4.81 -14.31 2.80
C PRO A 113 4.69 -15.00 1.44
N LEU A 114 4.69 -16.34 1.49
CA LEU A 114 4.53 -17.13 0.28
C LEU A 114 3.18 -16.91 -0.39
N SER A 115 2.17 -16.49 0.37
CA SER A 115 0.85 -16.23 -0.19
C SER A 115 0.81 -14.97 -1.04
N GLY A 116 1.84 -14.13 -0.99
CA GLY A 116 1.84 -12.90 -1.76
C GLY A 116 1.09 -11.78 -1.06
N GLY A 117 0.69 -10.80 -1.86
CA GLY A 117 -0.02 -9.65 -1.32
C GLY A 117 0.85 -8.65 -0.58
N THR A 118 2.14 -8.62 -0.87
CA THR A 118 3.08 -7.71 -0.22
C THR A 118 3.33 -6.50 -1.11
N TRP A 119 3.08 -5.30 -0.58
CA TRP A 119 3.38 -4.08 -1.31
C TRP A 119 4.90 -3.84 -1.30
N ILE A 120 5.50 -3.83 -2.48
CA ILE A 120 6.94 -3.64 -2.61
C ILE A 120 7.21 -2.43 -3.48
N GLY A 121 8.27 -1.71 -3.14
CA GLY A 121 8.77 -0.62 -3.95
C GLY A 121 10.19 -0.89 -4.42
N ILE A 122 10.36 -0.99 -5.74
CA ILE A 122 11.66 -1.23 -6.34
C ILE A 122 12.29 0.13 -6.66
N GLU A 123 13.45 0.39 -6.07
CA GLU A 123 14.12 1.67 -6.24
C GLU A 123 15.16 1.59 -7.36
N GLY A 124 15.29 2.68 -8.10
CA GLY A 124 16.24 2.72 -9.19
C GLY A 124 16.27 4.06 -9.87
N SER A 125 16.74 4.07 -11.11
CA SER A 125 16.86 5.28 -11.92
C SER A 125 16.05 5.14 -13.20
N HIS A 126 15.38 6.23 -13.58
CA HIS A 126 14.61 6.32 -14.82
C HIS A 126 13.50 5.29 -14.88
N LEU A 127 12.96 4.90 -13.72
CA LEU A 127 11.93 3.89 -13.65
C LEU A 127 10.56 4.39 -14.10
N ASN A 128 10.44 5.65 -14.50
CA ASN A 128 9.20 6.21 -15.03
C ASN A 128 9.25 6.38 -16.55
N ALA A 129 10.28 5.85 -17.20
CA ALA A 129 10.43 6.02 -18.64
C ALA A 129 9.47 5.11 -19.39
N GLY A 130 9.26 5.45 -20.67
CA GLY A 130 8.45 4.62 -21.53
C GLY A 130 6.96 4.82 -21.34
N SER A 131 6.20 3.95 -22.00
CA SER A 131 4.74 4.03 -22.00
C SER A 131 4.06 2.85 -21.29
N ASP A 132 4.80 1.79 -20.96
CA ASP A 132 4.23 0.69 -20.19
C ASP A 132 5.32 0.09 -19.31
N VAL A 133 4.90 -0.77 -18.38
CA VAL A 133 5.80 -1.38 -17.42
C VAL A 133 5.16 -2.68 -16.94
N ALA A 134 6.01 -3.66 -16.62
CA ALA A 134 5.54 -4.95 -16.12
C ALA A 134 6.62 -5.54 -15.22
N VAL A 135 6.28 -5.79 -13.96
CA VAL A 135 7.20 -6.36 -12.99
C VAL A 135 6.87 -7.83 -12.81
N SER A 136 7.90 -8.67 -12.73
CA SER A 136 7.74 -10.10 -12.52
C SER A 136 8.70 -10.58 -11.46
N ILE A 137 8.21 -11.45 -10.59
CA ILE A 137 8.99 -12.08 -9.52
C ILE A 137 8.85 -13.59 -9.68
N GLY A 138 9.97 -14.28 -9.86
CA GLY A 138 9.94 -15.71 -10.12
C GLY A 138 9.12 -16.10 -11.32
N GLY A 139 8.95 -15.20 -12.29
CA GLY A 139 8.13 -15.44 -13.45
C GLY A 139 6.66 -15.13 -13.28
N ARG A 140 6.24 -14.62 -12.11
CA ARG A 140 4.85 -14.32 -11.88
C ARG A 140 4.63 -12.80 -11.77
N PRO A 141 3.48 -12.30 -12.22
CA PRO A 141 3.31 -10.84 -12.29
C PRO A 141 3.14 -10.20 -10.93
N CYS A 142 3.93 -9.17 -10.67
CA CYS A 142 3.74 -8.28 -9.52
C CYS A 142 2.75 -7.20 -9.96
N SER A 143 1.55 -7.22 -9.37
CA SER A 143 0.47 -6.32 -9.76
C SER A 143 0.90 -4.86 -9.64
N PHE A 144 1.10 -4.21 -10.79
CA PHE A 144 1.60 -2.84 -10.81
C PHE A 144 0.59 -1.88 -10.21
N SER A 145 1.06 -1.00 -9.33
CA SER A 145 0.23 0.05 -8.73
C SER A 145 0.62 1.42 -9.25
N TRP A 146 1.85 1.87 -9.02
CA TRP A 146 2.28 3.16 -9.58
C TRP A 146 3.79 3.16 -9.72
N ARG A 147 4.33 4.27 -10.22
CA ARG A 147 5.77 4.39 -10.41
C ARG A 147 6.12 5.86 -10.64
N ASN A 148 7.32 6.22 -10.25
CA ASN A 148 7.91 7.51 -10.58
C ASN A 148 9.33 7.25 -11.05
N SER A 149 10.14 8.31 -11.14
CA SER A 149 11.50 8.17 -11.66
C SER A 149 12.40 7.35 -10.74
N ARG A 150 12.03 7.18 -9.47
CA ARG A 150 12.90 6.53 -8.51
C ARG A 150 12.31 5.28 -7.86
N GLU A 151 11.05 4.93 -8.14
CA GLU A 151 10.45 3.81 -7.45
C GLU A 151 9.28 3.25 -8.26
N ILE A 152 9.14 1.94 -8.23
CA ILE A 152 7.98 1.24 -8.80
C ILE A 152 7.28 0.49 -7.67
N ARG A 153 6.03 0.86 -7.41
CA ARG A 153 5.24 0.23 -6.36
C ARG A 153 4.29 -0.78 -6.99
N CYS A 154 4.47 -2.05 -6.63
CA CYS A 154 3.60 -3.13 -7.11
C CYS A 154 3.33 -4.11 -5.99
N LEU A 155 2.44 -5.07 -6.26
CA LEU A 155 1.94 -6.02 -5.27
C LEU A 155 2.38 -7.42 -5.65
N THR A 156 3.08 -8.10 -4.73
CA THR A 156 3.70 -9.37 -5.06
C THR A 156 2.65 -10.45 -5.33
N PRO A 157 2.95 -11.38 -6.23
CA PRO A 157 2.07 -12.53 -6.44
C PRO A 157 2.39 -13.64 -5.46
N PRO A 158 1.52 -14.64 -5.34
CA PRO A 158 1.87 -15.81 -4.51
C PRO A 158 3.07 -16.54 -5.08
N GLY A 159 3.90 -17.07 -4.17
CA GLY A 159 5.10 -17.75 -4.58
C GLY A 159 4.92 -19.24 -4.73
N HIS A 160 5.85 -19.86 -5.47
CA HIS A 160 5.81 -21.31 -5.68
C HIS A 160 6.40 -22.05 -4.49
N THR A 161 7.60 -21.69 -4.09
CA THR A 161 8.30 -22.27 -2.95
C THR A 161 9.05 -21.17 -2.21
N PRO A 162 9.26 -21.32 -0.90
CA PRO A 162 10.05 -20.32 -0.17
C PRO A 162 11.48 -20.26 -0.68
N GLY A 163 12.09 -19.11 -0.52
CA GLY A 163 13.45 -18.86 -1.00
C GLY A 163 13.49 -17.65 -1.93
N SER A 164 14.70 -17.36 -2.38
CA SER A 164 14.92 -16.20 -3.24
C SER A 164 14.26 -16.42 -4.60
N ALA A 165 14.00 -15.31 -5.27
CA ALA A 165 13.31 -15.29 -6.56
C ALA A 165 13.79 -14.07 -7.31
N PRO A 166 14.06 -14.21 -8.61
CA PRO A 166 14.58 -13.07 -9.38
C PRO A 166 13.50 -12.06 -9.72
N ILE A 167 13.92 -10.80 -9.80
CA ILE A 167 13.05 -9.69 -10.18
C ILE A 167 13.43 -9.27 -11.60
N VAL A 168 12.45 -9.26 -12.49
CA VAL A 168 12.64 -8.83 -13.87
C VAL A 168 11.62 -7.74 -14.17
N ILE A 169 12.09 -6.63 -14.74
CA ILE A 169 11.22 -5.51 -15.08
C ILE A 169 11.23 -5.33 -16.59
N ASN A 170 10.07 -5.02 -17.17
CA ASN A 170 9.95 -4.78 -18.60
C ASN A 170 9.39 -3.37 -18.81
N ILE A 171 10.13 -2.55 -19.54
CA ILE A 171 9.71 -1.21 -19.91
C ILE A 171 9.88 -1.11 -21.42
N ASN A 172 8.78 -1.29 -22.15
CA ASN A 172 8.77 -1.36 -23.61
C ASN A 172 9.73 -2.47 -24.03
N ARG A 173 10.75 -2.20 -24.84
CA ARG A 173 11.69 -3.23 -25.26
C ARG A 173 12.87 -3.41 -24.30
N ALA A 174 12.88 -2.68 -23.19
CA ALA A 174 13.97 -2.77 -22.21
C ALA A 174 13.63 -3.82 -21.17
N GLN A 175 14.55 -4.77 -20.98
CA GLN A 175 14.42 -5.82 -19.97
C GLN A 175 15.46 -5.58 -18.88
N LEU A 176 15.01 -5.08 -17.74
CA LEU A 176 15.87 -4.76 -16.61
C LEU A 176 15.99 -5.97 -15.69
N SER A 177 17.24 -6.31 -15.34
CA SER A 177 17.52 -7.38 -14.40
C SER A 177 18.65 -6.94 -13.48
N ASN A 178 18.74 -7.61 -12.33
CA ASN A 178 19.79 -7.36 -11.35
C ASN A 178 19.90 -8.57 -10.43
N PRO A 179 20.88 -9.45 -10.63
CA PRO A 179 20.97 -10.64 -9.79
C PRO A 179 21.21 -10.35 -8.32
N GLU A 180 21.74 -9.17 -7.97
CA GLU A 180 21.97 -8.81 -6.58
C GLU A 180 20.73 -8.31 -5.88
N VAL A 181 19.59 -8.25 -6.57
CA VAL A 181 18.33 -7.74 -6.01
C VAL A 181 17.28 -8.84 -6.22
N LYS A 182 17.06 -9.65 -5.20
CA LYS A 182 16.11 -10.75 -5.25
C LYS A 182 15.02 -10.54 -4.20
N TYR A 183 13.97 -11.36 -4.29
CA TYR A 183 12.86 -11.33 -3.35
C TYR A 183 12.76 -12.68 -2.66
N ASN A 184 12.81 -12.67 -1.32
CA ASN A 184 12.84 -13.89 -0.53
C ASN A 184 11.44 -14.21 -0.05
N TYR A 185 10.85 -15.28 -0.61
CA TYR A 185 9.56 -15.76 -0.13
C TYR A 185 9.76 -16.50 1.19
N THR A 186 9.02 -16.08 2.22
CA THR A 186 9.11 -16.69 3.53
C THR A 186 7.83 -17.49 3.83
N GLU A 187 7.96 -18.43 4.77
CA GLU A 187 6.81 -19.20 5.21
C GLU A 187 5.75 -18.27 5.78
N ASP A 188 4.48 -18.59 5.53
CA ASP A 188 3.40 -17.73 5.96
C ASP A 188 3.39 -17.60 7.48
N PRO A 189 3.09 -16.41 8.01
CA PRO A 189 3.03 -16.25 9.47
C PRO A 189 1.83 -16.99 10.05
N THR A 190 1.94 -17.32 11.34
CA THR A 190 0.85 -17.97 12.06
C THR A 190 0.52 -17.20 13.32
N ILE A 191 -0.70 -17.40 13.81
CA ILE A 191 -1.21 -16.76 15.01
C ILE A 191 -1.50 -17.84 16.04
N LEU A 192 -0.97 -17.69 17.24
CA LEU A 192 -1.12 -18.68 18.30
C LEU A 192 -2.09 -18.23 19.38
N ARG A 193 -1.91 -17.03 19.94
CA ARG A 193 -2.76 -16.59 21.04
C ARG A 193 -2.81 -15.06 21.06
N ILE A 194 -3.85 -14.55 21.70
CA ILE A 194 -4.03 -13.11 21.94
C ILE A 194 -4.16 -12.91 23.43
N ASP A 195 -3.36 -12.01 23.98
CA ASP A 195 -3.33 -11.76 25.43
C ASP A 195 -3.34 -10.25 25.67
N PRO A 196 -4.34 -9.71 26.38
CA PRO A 196 -5.46 -10.47 26.96
C PRO A 196 -6.51 -10.82 25.90
N GLU A 197 -7.30 -11.85 26.16
CA GLU A 197 -8.27 -12.33 25.17
C GLU A 197 -9.62 -11.63 25.30
N TRP A 198 -9.61 -10.31 25.48
CA TRP A 198 -10.84 -9.55 25.60
C TRP A 198 -10.53 -8.07 25.38
N SER A 199 -11.59 -7.30 25.16
CA SER A 199 -11.50 -5.85 25.07
C SER A 199 -12.89 -5.26 25.30
N ILE A 200 -13.02 -3.95 25.13
CA ILE A 200 -14.26 -3.25 25.39
C ILE A 200 -14.89 -2.82 24.07
N ASN A 201 -16.11 -2.28 24.18
CA ASN A 201 -16.88 -1.93 22.99
C ASN A 201 -16.16 -0.89 22.14
N SER A 202 -15.57 0.12 22.77
CA SER A 202 -14.86 1.16 22.02
C SER A 202 -13.48 0.72 21.54
N GLY A 203 -13.03 -0.48 21.93
CA GLY A 203 -11.74 -0.98 21.50
C GLY A 203 -10.60 -0.07 21.93
N GLY A 204 -9.51 -0.14 21.18
CA GLY A 204 -8.37 0.72 21.41
C GLY A 204 -7.41 0.26 22.49
N THR A 205 -7.65 -0.89 23.13
CA THR A 205 -6.77 -1.38 24.17
C THR A 205 -5.64 -2.20 23.54
N LEU A 206 -4.52 -2.26 24.24
CA LEU A 206 -3.33 -2.95 23.74
C LEU A 206 -3.46 -4.46 23.93
N LEU A 207 -3.32 -5.18 22.82
CA LEU A 207 -3.35 -6.64 22.82
C LEU A 207 -2.00 -7.16 22.35
N THR A 208 -1.44 -8.11 23.10
CA THR A 208 -0.18 -8.74 22.74
C THR A 208 -0.49 -10.04 21.99
N VAL A 209 -0.15 -10.07 20.71
CA VAL A 209 -0.42 -11.20 19.83
C VAL A 209 0.89 -11.94 19.59
N THR A 210 0.89 -13.25 19.81
CA THR A 210 2.06 -14.09 19.61
C THR A 210 1.79 -15.07 18.47
N GLY A 211 2.80 -15.29 17.63
CA GLY A 211 2.68 -16.19 16.51
C GLY A 211 4.05 -16.56 15.95
N THR A 212 4.11 -16.80 14.64
CA THR A 212 5.37 -17.13 13.98
C THR A 212 5.52 -16.33 12.70
N ASN A 213 6.75 -15.91 12.43
CA ASN A 213 7.10 -15.16 11.21
C ASN A 213 6.30 -13.86 11.11
N LEU A 214 6.09 -13.20 12.24
CA LEU A 214 5.33 -11.95 12.23
C LEU A 214 6.11 -10.81 11.61
N ALA A 215 7.45 -10.83 11.71
CA ALA A 215 8.27 -9.79 11.13
C ALA A 215 8.33 -9.86 9.61
N THR A 216 7.78 -10.91 9.00
CA THR A 216 7.74 -11.01 7.55
C THR A 216 6.61 -10.19 6.93
N VAL A 217 5.80 -9.53 7.74
CA VAL A 217 4.72 -8.66 7.28
C VAL A 217 4.96 -7.26 7.83
N ARG A 218 4.98 -6.27 6.94
CA ARG A 218 5.37 -4.92 7.34
C ARG A 218 4.28 -4.21 8.13
N GLU A 219 3.04 -4.27 7.65
CA GLU A 219 1.92 -3.56 8.27
C GLU A 219 0.78 -4.53 8.56
N PRO A 220 0.94 -5.39 9.57
CA PRO A 220 -0.18 -6.25 9.95
C PRO A 220 -1.28 -5.44 10.62
N ARG A 221 -2.52 -5.87 10.39
CA ARG A 221 -3.67 -5.23 11.00
C ARG A 221 -4.53 -6.27 11.69
N ILE A 222 -5.38 -5.82 12.60
CA ILE A 222 -6.32 -6.67 13.31
C ILE A 222 -7.73 -6.28 12.88
N ARG A 223 -8.57 -7.29 12.69
CA ARG A 223 -9.93 -7.07 12.21
C ARG A 223 -10.93 -7.82 13.09
N ALA A 224 -12.15 -7.28 13.15
CA ALA A 224 -13.24 -7.89 13.88
C ALA A 224 -14.53 -7.62 13.14
N LYS A 225 -15.40 -8.61 13.08
CA LYS A 225 -16.73 -8.49 12.51
C LYS A 225 -17.75 -8.62 13.64
N TYR A 226 -18.57 -7.59 13.82
CA TYR A 226 -19.52 -7.53 14.91
C TYR A 226 -20.72 -6.70 14.47
N GLY A 227 -21.92 -7.18 14.82
CA GLY A 227 -23.13 -6.46 14.48
C GLY A 227 -23.32 -6.20 13.00
N GLY A 228 -22.77 -7.07 12.15
CA GLY A 228 -22.84 -6.86 10.72
C GLY A 228 -21.85 -5.86 10.17
N ILE A 229 -20.88 -5.40 10.97
CA ILE A 229 -19.93 -4.39 10.55
C ILE A 229 -18.52 -4.94 10.71
N GLU A 230 -17.66 -4.64 9.75
CA GLU A 230 -16.25 -4.98 9.82
C GLU A 230 -15.45 -3.76 10.27
N ARG A 231 -14.53 -4.00 11.21
CA ARG A 231 -13.71 -2.93 11.77
C ARG A 231 -12.27 -3.40 11.87
N GLU A 232 -11.34 -2.46 11.69
CA GLU A 232 -9.92 -2.77 11.66
C GLU A 232 -9.16 -1.83 12.58
N ASN A 233 -7.93 -2.22 12.91
CA ASN A 233 -7.03 -1.40 13.70
C ASN A 233 -5.61 -1.85 13.43
N SER A 234 -4.65 -1.03 13.86
CA SER A 234 -3.27 -1.19 13.46
C SER A 234 -2.47 -2.00 14.48
N CYS A 235 -1.43 -2.66 13.99
CA CYS A 235 -0.49 -3.43 14.80
C CYS A 235 0.92 -2.91 14.57
N MET A 236 1.83 -3.28 15.47
CA MET A 236 3.25 -3.04 15.28
C MET A 236 4.02 -4.27 15.73
N VAL A 237 4.86 -4.80 14.85
CA VAL A 237 5.61 -6.02 15.14
C VAL A 237 6.82 -5.66 16.01
N TYR A 238 7.01 -6.43 17.08
CA TYR A 238 8.21 -6.31 17.90
C TYR A 238 9.28 -7.33 17.52
N ASN A 239 8.88 -8.57 17.26
CA ASN A 239 9.81 -9.56 16.71
C ASN A 239 8.98 -10.67 16.05
N ASP A 240 9.69 -11.66 15.49
CA ASP A 240 9.06 -12.69 14.68
C ASP A 240 7.96 -13.45 15.40
N THR A 241 7.94 -13.43 16.74
CA THR A 241 6.92 -14.14 17.49
C THR A 241 6.00 -13.22 18.28
N THR A 242 6.21 -11.90 18.25
CA THR A 242 5.43 -11.01 19.11
C THR A 242 5.15 -9.70 18.40
N MET A 243 3.88 -9.30 18.40
CA MET A 243 3.46 -7.99 17.93
C MET A 243 2.38 -7.46 18.86
N VAL A 244 2.18 -6.15 18.82
CA VAL A 244 1.19 -5.46 19.64
C VAL A 244 0.18 -4.79 18.73
N CYS A 245 -1.10 -5.01 19.00
CA CYS A 245 -2.18 -4.42 18.24
C CYS A 245 -3.09 -3.61 19.16
N ARG A 246 -3.92 -2.78 18.55
CA ARG A 246 -4.99 -2.10 19.28
C ARG A 246 -6.32 -2.73 18.89
N ALA A 247 -7.20 -2.90 19.88
CA ALA A 247 -8.45 -3.61 19.64
C ALA A 247 -9.33 -2.81 18.67
N PRO A 248 -9.93 -3.45 17.68
CA PRO A 248 -10.88 -2.75 16.82
C PRO A 248 -12.09 -2.29 17.63
N SER A 249 -12.57 -1.09 17.33
CA SER A 249 -13.78 -0.58 17.96
C SER A 249 -15.00 -1.18 17.27
N ILE A 250 -15.87 -1.84 18.04
CA ILE A 250 -17.08 -2.43 17.50
C ILE A 250 -18.32 -1.58 17.78
N ASP A 251 -18.12 -0.35 18.27
CA ASP A 251 -19.25 0.51 18.60
C ASP A 251 -20.13 0.73 17.38
N ASN A 252 -21.41 0.39 17.52
CA ASN A 252 -22.36 0.49 16.42
C ASN A 252 -23.76 0.62 17.01
N PRO A 253 -24.71 1.21 16.26
CA PRO A 253 -26.05 1.43 16.80
C PRO A 253 -26.96 0.20 16.78
N LYS A 254 -26.53 -0.92 16.20
CA LYS A 254 -27.39 -2.09 16.15
C LYS A 254 -27.41 -2.85 17.47
N ARG A 255 -26.24 -3.09 18.05
CA ARG A 255 -26.16 -3.78 19.33
C ARG A 255 -24.82 -3.50 19.98
N SER A 256 -24.76 -3.79 21.29
CA SER A 256 -23.57 -3.62 22.11
C SER A 256 -23.42 -4.85 22.99
N PRO A 257 -22.19 -5.18 23.41
CA PRO A 257 -21.98 -6.44 24.13
C PRO A 257 -22.66 -6.41 25.49
N PRO A 258 -23.07 -7.58 25.99
CA PRO A 258 -23.66 -7.64 27.34
C PRO A 258 -22.58 -7.60 28.41
N GLU A 259 -23.03 -7.40 29.65
CA GLU A 259 -22.09 -7.26 30.76
C GLU A 259 -21.21 -8.49 30.91
N LEU A 260 -21.74 -9.67 30.60
CA LEU A 260 -20.95 -10.90 30.69
C LEU A 260 -20.06 -11.12 29.47
N GLY A 261 -20.21 -10.31 28.43
CA GLY A 261 -19.38 -10.41 27.25
C GLY A 261 -19.94 -11.39 26.22
N GLU A 262 -19.55 -11.16 24.97
CA GLU A 262 -19.94 -12.03 23.87
C GLU A 262 -18.83 -12.03 22.83
N ARG A 263 -18.64 -13.18 22.20
CA ARG A 263 -17.63 -13.28 21.16
C ARG A 263 -18.08 -12.49 19.92
N PRO A 264 -17.17 -11.81 19.25
CA PRO A 264 -17.52 -11.18 17.98
C PRO A 264 -17.81 -12.25 16.92
N ASP A 265 -18.56 -11.83 15.91
CA ASP A 265 -18.84 -12.75 14.80
C ASP A 265 -17.54 -13.23 14.16
N GLU A 266 -16.57 -12.33 14.00
CA GLU A 266 -15.25 -12.72 13.51
C GLU A 266 -14.17 -11.94 14.26
N ILE A 267 -13.02 -12.58 14.41
CA ILE A 267 -11.82 -11.92 14.91
C ILE A 267 -10.64 -12.49 14.14
N GLY A 268 -9.75 -11.63 13.68
CA GLY A 268 -8.65 -12.10 12.86
C GLY A 268 -7.66 -11.01 12.56
N PHE A 269 -6.82 -11.27 11.56
CA PHE A 269 -5.74 -10.35 11.22
C PHE A 269 -5.57 -10.29 9.70
N ILE A 270 -5.24 -9.09 9.22
CA ILE A 270 -4.94 -8.84 7.82
C ILE A 270 -3.42 -8.73 7.70
N MET A 271 -2.79 -9.74 7.12
CA MET A 271 -1.33 -9.78 6.94
C MET A 271 -1.05 -10.18 5.50
N ASP A 272 -0.89 -9.17 4.63
CA ASP A 272 -0.71 -9.36 3.19
C ASP A 272 -1.84 -10.24 2.68
N ASN A 273 -1.57 -11.31 1.93
CA ASN A 273 -2.62 -12.17 1.39
C ASN A 273 -2.67 -13.52 2.10
N VAL A 274 -2.28 -13.56 3.37
CA VAL A 274 -2.42 -14.77 4.18
C VAL A 274 -3.86 -14.83 4.69
N ARG A 275 -4.78 -15.25 3.83
CA ARG A 275 -6.20 -15.12 4.13
C ARG A 275 -6.68 -16.10 5.18
N THR A 276 -5.92 -17.16 5.46
CA THR A 276 -6.32 -18.09 6.52
C THR A 276 -6.34 -17.43 7.89
N LEU A 277 -5.60 -16.33 8.06
CA LEU A 277 -5.56 -15.60 9.31
C LEU A 277 -6.67 -14.56 9.43
N LEU A 278 -7.50 -14.39 8.39
CA LEU A 278 -8.54 -13.38 8.42
C LEU A 278 -9.60 -13.70 9.47
N VAL A 279 -9.89 -14.99 9.69
CA VAL A 279 -10.91 -15.41 10.65
C VAL A 279 -10.31 -16.51 11.52
N LEU A 280 -10.20 -16.24 12.82
CA LEU A 280 -9.78 -17.24 13.80
C LEU A 280 -11.04 -17.91 14.31
N ASN A 281 -11.30 -19.14 13.86
CA ASN A 281 -12.57 -19.81 14.17
C ASN A 281 -12.66 -20.18 15.64
N SER A 282 -11.64 -20.85 16.16
CA SER A 282 -11.67 -21.36 17.52
C SER A 282 -11.34 -20.32 18.58
N SER A 283 -11.34 -19.04 18.23
CA SER A 283 -10.97 -18.01 19.19
C SER A 283 -12.09 -17.78 20.19
N SER A 284 -11.71 -17.63 21.46
CA SER A 284 -12.63 -17.31 22.53
C SER A 284 -12.53 -15.85 22.96
N PHE A 285 -12.08 -14.98 22.06
CA PHE A 285 -12.00 -13.55 22.37
C PHE A 285 -13.38 -12.99 22.65
N LEU A 286 -13.48 -12.18 23.70
CA LEU A 286 -14.75 -11.60 24.12
C LEU A 286 -14.69 -10.08 24.05
N TYR A 287 -15.83 -9.46 23.77
CA TYR A 287 -15.98 -8.02 23.84
C TYR A 287 -16.89 -7.68 25.02
N TYR A 288 -16.45 -6.76 25.86
CA TYR A 288 -17.19 -6.30 27.02
C TYR A 288 -17.72 -4.90 26.81
N PRO A 289 -18.71 -4.48 27.60
CA PRO A 289 -19.22 -3.11 27.47
C PRO A 289 -18.16 -2.08 27.86
N ASP A 290 -18.36 -0.87 27.36
CA ASP A 290 -17.54 0.25 27.78
C ASP A 290 -17.84 0.59 29.24
N PRO A 291 -16.89 1.22 29.94
CA PRO A 291 -17.17 1.69 31.29
C PRO A 291 -18.32 2.69 31.30
N VAL A 292 -19.13 2.63 32.36
CA VAL A 292 -20.28 3.53 32.50
C VAL A 292 -20.02 4.45 33.68
N LEU A 293 -19.41 5.60 33.43
CA LEU A 293 -19.13 6.57 34.48
C LEU A 293 -20.27 7.58 34.59
N GLU A 294 -20.16 8.46 35.58
CA GLU A 294 -21.17 9.47 35.85
C GLU A 294 -20.52 10.64 36.57
N PRO A 295 -20.97 11.88 36.32
CA PRO A 295 -20.42 13.06 36.99
C PRO A 295 -20.81 13.14 38.46
N SER A 308 -8.18 15.49 49.73
CA SER A 308 -9.38 15.67 48.93
C SER A 308 -9.38 14.73 47.73
N PRO A 309 -9.79 13.49 47.95
CA PRO A 309 -9.82 12.51 46.85
C PRO A 309 -11.09 12.60 46.04
N LEU A 310 -10.95 12.31 44.75
CA LEU A 310 -12.07 12.30 43.81
C LEU A 310 -12.52 10.86 43.59
N ILE A 311 -13.82 10.62 43.70
CA ILE A 311 -14.40 9.28 43.59
C ILE A 311 -15.35 9.30 42.40
N LEU A 312 -14.92 8.72 41.28
CA LEU A 312 -15.76 8.53 40.12
C LEU A 312 -16.41 7.15 40.22
N LYS A 313 -17.72 7.12 40.40
CA LYS A 313 -18.44 5.86 40.51
C LYS A 313 -18.97 5.42 39.15
N GLY A 314 -19.22 4.13 39.04
CA GLY A 314 -19.73 3.56 37.80
C GLY A 314 -19.65 2.06 37.82
N ARG A 315 -20.19 1.47 36.75
CA ARG A 315 -20.20 0.02 36.59
C ARG A 315 -19.45 -0.35 35.32
N ASN A 316 -19.29 -1.66 35.10
CA ASN A 316 -18.49 -2.20 34.01
C ASN A 316 -17.05 -1.70 34.07
N LEU A 317 -16.54 -1.46 35.28
CA LEU A 317 -15.20 -0.96 35.50
C LEU A 317 -14.16 -2.08 35.53
N LEU A 318 -14.47 -3.19 36.19
CA LEU A 318 -13.61 -4.35 36.21
C LEU A 318 -14.19 -5.47 35.35
N PRO A 319 -13.35 -6.30 34.74
CA PRO A 319 -13.87 -7.40 33.92
C PRO A 319 -14.51 -8.47 34.77
N PRO A 320 -15.64 -9.03 34.34
CA PRO A 320 -16.28 -10.10 35.12
C PRO A 320 -15.42 -11.35 35.27
N ALA A 321 -14.44 -11.56 34.39
CA ALA A 321 -13.55 -12.70 34.48
C ALA A 321 -12.22 -12.24 35.09
N PRO A 322 -11.98 -12.46 36.38
CA PRO A 322 -10.73 -11.98 36.99
C PRO A 322 -9.52 -12.78 36.58
N GLY A 323 -8.71 -12.23 35.68
CA GLY A 323 -7.47 -12.86 35.28
C GLY A 323 -6.26 -12.04 35.66
N ASN A 324 -5.31 -11.92 34.73
CA ASN A 324 -4.11 -11.13 34.94
C ASN A 324 -4.22 -9.74 34.34
N SER A 325 -5.39 -9.36 33.83
CA SER A 325 -5.54 -8.12 33.08
C SER A 325 -6.78 -7.36 33.53
N ARG A 326 -6.73 -6.05 33.29
CA ARG A 326 -7.83 -5.14 33.59
C ARG A 326 -7.56 -3.85 32.84
N LEU A 327 -8.64 -3.11 32.55
CA LEU A 327 -8.54 -1.88 31.77
C LEU A 327 -7.51 -0.92 32.37
N ASN A 328 -6.63 -0.41 31.51
CA ASN A 328 -5.59 0.53 31.92
C ASN A 328 -6.15 1.94 31.81
N TYR A 329 -6.80 2.39 32.87
CA TYR A 329 -7.49 3.68 32.86
C TYR A 329 -6.48 4.84 32.90
N THR A 330 -6.99 6.02 32.54
CA THR A 330 -6.19 7.24 32.58
C THR A 330 -7.14 8.41 32.73
N VAL A 331 -7.03 9.15 33.83
CA VAL A 331 -7.86 10.31 34.11
C VAL A 331 -7.02 11.55 33.81
N LEU A 332 -7.26 12.16 32.66
CA LEU A 332 -6.49 13.32 32.22
C LEU A 332 -7.21 14.61 32.57
N ILE A 333 -7.26 14.88 33.87
CA ILE A 333 -7.75 16.15 34.39
C ILE A 333 -6.57 17.11 34.46
N GLY A 334 -6.63 18.18 33.67
CA GLY A 334 -5.47 19.04 33.51
C GLY A 334 -4.40 18.46 32.61
N SER A 335 -4.76 17.49 31.75
CA SER A 335 -3.82 16.81 30.86
C SER A 335 -2.66 16.16 31.62
N THR A 336 -2.92 15.77 32.86
CA THR A 336 -1.91 15.12 33.70
C THR A 336 -2.52 13.86 34.32
N PRO A 337 -1.93 12.69 34.12
CA PRO A 337 -2.51 11.47 34.69
C PRO A 337 -2.37 11.45 36.21
N CYS A 338 -3.42 10.97 36.88
CA CYS A 338 -3.42 10.81 38.32
C CYS A 338 -3.24 9.34 38.69
N ILE A 339 -2.48 9.10 39.75
CA ILE A 339 -2.32 7.73 40.26
C ILE A 339 -3.65 7.29 40.86
N LEU A 340 -4.19 6.18 40.35
CA LEU A 340 -5.56 5.81 40.68
C LEU A 340 -5.64 4.39 41.22
N THR A 341 -6.54 4.21 42.18
CA THR A 341 -6.99 2.90 42.63
C THR A 341 -8.33 2.60 42.00
N VAL A 342 -8.50 1.37 41.53
CA VAL A 342 -9.70 0.96 40.80
C VAL A 342 -10.34 -0.21 41.51
N SER A 343 -11.61 -0.05 41.87
CA SER A 343 -12.45 -1.12 42.39
C SER A 343 -13.49 -1.47 41.34
N GLU A 344 -14.52 -2.22 41.75
CA GLU A 344 -15.61 -2.52 40.84
C GLU A 344 -16.43 -1.27 40.51
N THR A 345 -16.47 -0.30 41.43
CA THR A 345 -17.31 0.89 41.26
C THR A 345 -16.56 2.17 41.59
N GLN A 346 -15.23 2.15 41.61
CA GLN A 346 -14.45 3.26 42.15
C GLN A 346 -13.32 3.65 41.20
N LEU A 347 -13.18 4.96 40.97
CA LEU A 347 -11.99 5.53 40.34
C LEU A 347 -11.52 6.68 41.23
N LEU A 348 -10.28 6.60 41.71
CA LEU A 348 -9.78 7.52 42.72
C LEU A 348 -8.61 8.33 42.17
N CYS A 349 -8.75 9.66 42.14
CA CYS A 349 -7.65 10.54 41.83
C CYS A 349 -7.11 11.18 43.10
N GLU A 350 -5.80 11.39 43.16
CA GLU A 350 -5.12 11.98 44.31
C GLU A 350 -4.14 13.04 43.80
N ALA A 351 -4.68 14.16 43.37
CA ALA A 351 -3.91 15.26 42.80
C ALA A 351 -4.51 16.57 43.27
N PRO A 352 -3.71 17.66 43.30
CA PRO A 352 -4.26 18.95 43.73
C PRO A 352 -5.28 19.52 42.75
N THR A 361 -12.11 13.38 29.77
CA THR A 361 -10.92 13.38 30.63
C THR A 361 -10.62 11.98 31.13
N VAL A 362 -11.59 11.08 31.00
CA VAL A 362 -11.43 9.68 31.38
C VAL A 362 -11.22 8.86 30.13
N ARG A 363 -10.07 8.21 30.03
CA ARG A 363 -9.71 7.43 28.84
C ARG A 363 -9.41 5.99 29.24
N ALA A 364 -9.82 5.07 28.37
CA ALA A 364 -9.54 3.65 28.54
C ALA A 364 -9.54 3.02 27.15
N GLY A 365 -8.36 2.83 26.59
CA GLY A 365 -8.26 2.39 25.21
C GLY A 365 -8.85 3.46 24.30
N GLY A 366 -9.83 3.07 23.49
CA GLY A 366 -10.54 4.02 22.66
C GLY A 366 -11.73 4.67 23.33
N PHE A 367 -11.94 4.39 24.62
CA PHE A 367 -13.06 4.96 25.36
C PHE A 367 -12.66 6.29 25.99
N GLU A 368 -13.58 7.25 25.95
CA GLU A 368 -13.35 8.56 26.55
C GLU A 368 -14.68 9.10 27.05
N PHE A 369 -14.67 9.68 28.24
CA PHE A 369 -15.88 10.21 28.85
C PHE A 369 -15.49 11.19 29.96
N SER A 370 -16.34 12.19 30.16
CA SER A 370 -16.13 13.16 31.22
C SER A 370 -17.38 13.28 32.10
#